data_3MRM
#
_entry.id   3MRM
#
_cell.length_a   53.223
_cell.length_b   80.985
_cell.length_c   56.341
_cell.angle_alpha   90.000
_cell.angle_beta   112.240
_cell.angle_gamma   90.000
#
_symmetry.space_group_name_H-M   'P 1 21 1'
#
loop_
_entity.id
_entity.type
_entity.pdbx_description
1 polymer 'HLA class I histocompatibility antigen, A-2 alpha chain'
2 polymer Beta-2-microglobulin
3 polymer '10-meric peptide from Genome polyprotein'
4 water water
#
loop_
_entity_poly.entity_id
_entity_poly.type
_entity_poly.pdbx_seq_one_letter_code
_entity_poly.pdbx_strand_id
1 'polypeptide(L)'
;GSHSMRYFFTSVSRPGRGEPRFIAVGYVDDTQFVRFDSDAASQRMEPRAPWIEQEGPEYWDGETRKVKAHSQTHRVDLGT
LRGYYNQSEAGSHTVQRMYGCDVGSDWRFLRGYHQYAYDGKDYIALKEDLRSWTAADMAAQTTKHKWEAAHVAEQLRAYL
EGTCVEWLRRYLENGKETLQRTDAPKTHMTHHAVSDHEATLRCWALSFYPAEITLTWQRDGEDQTQDTELVETRPAGDGT
FQKWVAVVVPSGQEQRYTCHVQHEGLPKPLTLRWEPGSLHHILDAQKMVWNHR
;
A
2 'polypeptide(L)'
;MIQRTPKIQVYSRHPAENGKSNFLNCYVSGFHPSDIEVDLLKNGERIEKVEHSDLSFSKDWSFYLLYYTEFTPTEKDEYA
CRVNHVTLSQPKIVKWDRDM
;
B
3 'polypeptide(L)' KLVALGINAV P
#
# COMPACT_ATOMS: atom_id res chain seq x y z
N GLY A 1 4.29 18.36 -9.29
CA GLY A 1 4.96 17.77 -8.10
C GLY A 1 5.81 16.59 -8.55
N SER A 2 6.32 15.84 -7.59
N SER A 2 6.34 15.84 -7.59
CA SER A 2 7.15 14.68 -7.90
CA SER A 2 7.16 14.67 -7.90
C SER A 2 6.30 13.46 -8.24
C SER A 2 6.28 13.50 -8.31
N HIS A 3 6.90 12.50 -8.94
CA HIS A 3 6.19 11.29 -9.36
C HIS A 3 7.11 10.08 -9.19
N SER A 4 6.54 8.87 -9.30
CA SER A 4 7.30 7.64 -9.17
C SER A 4 6.56 6.52 -9.90
N MET A 5 7.28 5.46 -10.22
CA MET A 5 6.68 4.23 -10.69
C MET A 5 7.31 3.11 -9.86
N ARG A 6 6.48 2.20 -9.38
CA ARG A 6 6.94 1.13 -8.51
C ARG A 6 6.32 -0.17 -8.94
N TYR A 7 7.09 -1.23 -8.87
CA TYR A 7 6.50 -2.57 -8.99
C TYR A 7 6.75 -3.38 -7.73
N PHE A 8 5.76 -4.13 -7.28
CA PHE A 8 5.91 -4.95 -6.08
C PHE A 8 5.61 -6.38 -6.43
N PHE A 9 6.45 -7.29 -5.97
CA PHE A 9 6.27 -8.72 -6.24
C PHE A 9 6.31 -9.57 -4.98
N THR A 10 5.31 -10.43 -4.80
CA THR A 10 5.30 -11.35 -3.68
C THR A 10 5.19 -12.80 -4.15
N SER A 11 6.10 -13.66 -3.67
CA SER A 11 6.02 -15.09 -3.95
C SER A 11 5.92 -15.87 -2.63
N VAL A 12 4.92 -16.75 -2.53
CA VAL A 12 4.69 -17.52 -1.30
C VAL A 12 4.71 -19.02 -1.63
N SER A 13 5.67 -19.76 -1.09
CA SER A 13 5.80 -21.18 -1.47
C SER A 13 4.63 -22.03 -0.97
N ARG A 14 4.31 -23.08 -1.73
CA ARG A 14 3.20 -23.99 -1.39
C ARG A 14 3.74 -25.41 -1.18
N PRO A 15 4.18 -25.70 0.06
CA PRO A 15 4.78 -26.98 0.36
C PRO A 15 3.85 -28.14 -0.04
N GLY A 16 4.41 -29.20 -0.59
CA GLY A 16 3.59 -30.37 -0.88
C GLY A 16 3.12 -30.53 -2.31
N ARG A 17 2.93 -29.43 -3.03
CA ARG A 17 2.52 -29.50 -4.45
C ARG A 17 2.62 -28.18 -5.21
N GLY A 18 3.39 -28.19 -6.28
CA GLY A 18 3.33 -27.13 -7.28
C GLY A 18 4.15 -25.90 -6.95
N GLU A 19 3.91 -24.86 -7.74
CA GLU A 19 4.69 -23.61 -7.68
C GLU A 19 4.11 -22.58 -6.71
N PRO A 20 4.92 -21.59 -6.31
CA PRO A 20 4.53 -20.51 -5.42
C PRO A 20 3.30 -19.72 -5.94
N ARG A 21 2.51 -19.20 -5.00
CA ARG A 21 1.53 -18.17 -5.32
C ARG A 21 2.31 -16.90 -5.66
N PHE A 22 2.12 -16.33 -6.85
CA PHE A 22 2.91 -15.17 -7.27
C PHE A 22 1.98 -14.03 -7.63
N ILE A 23 2.22 -12.85 -7.04
CA ILE A 23 1.38 -11.66 -7.26
C ILE A 23 2.26 -10.45 -7.50
N ALA A 24 2.13 -9.87 -8.70
CA ALA A 24 2.83 -8.65 -9.11
C ALA A 24 1.86 -7.50 -9.29
N VAL A 25 2.22 -6.33 -8.78
CA VAL A 25 1.39 -5.13 -9.00
C VAL A 25 2.25 -3.94 -9.41
N GLY A 26 1.75 -3.13 -10.34
CA GLY A 26 2.48 -1.91 -10.73
C GLY A 26 1.72 -0.64 -10.43
N TYR A 27 2.43 0.38 -9.95
CA TYR A 27 1.87 1.68 -9.59
C TYR A 27 2.54 2.84 -10.32
N VAL A 28 1.77 3.86 -10.65
CA VAL A 28 2.34 5.18 -10.94
C VAL A 28 1.83 6.07 -9.82
N ASP A 29 2.74 6.67 -9.05
CA ASP A 29 2.35 7.37 -7.80
C ASP A 29 1.49 6.43 -6.96
N ASP A 30 0.31 6.85 -6.52
CA ASP A 30 -0.57 5.97 -5.72
C ASP A 30 -1.69 5.30 -6.51
N THR A 31 -1.51 5.13 -7.81
CA THR A 31 -2.54 4.55 -8.67
C THR A 31 -2.05 3.24 -9.24
N GLN A 32 -2.67 2.13 -8.84
N GLN A 32 -2.67 2.13 -8.84
CA GLN A 32 -2.28 0.85 -9.41
CA GLN A 32 -2.33 0.82 -9.40
C GLN A 32 -2.70 0.86 -10.85
C GLN A 32 -2.73 0.82 -10.86
N PHE A 33 -1.85 0.34 -11.74
CA PHE A 33 -2.16 0.30 -13.16
C PHE A 33 -2.05 -1.07 -13.85
N VAL A 34 -1.28 -2.01 -13.29
CA VAL A 34 -1.26 -3.38 -13.79
C VAL A 34 -1.22 -4.39 -12.65
N ARG A 35 -1.55 -5.64 -12.97
CA ARG A 35 -1.42 -6.75 -12.02
C ARG A 35 -1.22 -8.08 -12.75
N PHE A 36 -0.55 -9.00 -12.07
CA PHE A 36 -0.52 -10.39 -12.47
C PHE A 36 -0.75 -11.21 -11.21
N ASP A 37 -1.71 -12.14 -11.26
CA ASP A 37 -1.94 -13.06 -10.17
C ASP A 37 -1.94 -14.50 -10.71
N SER A 38 -0.98 -15.29 -10.26
CA SER A 38 -0.79 -16.67 -10.71
C SER A 38 -2.03 -17.54 -10.50
N ASP A 39 -2.87 -17.17 -9.54
CA ASP A 39 -4.10 -17.94 -9.29
C ASP A 39 -5.25 -17.53 -10.24
N ALA A 40 -5.04 -16.48 -11.03
CA ALA A 40 -6.12 -16.02 -11.90
C ALA A 40 -6.12 -16.81 -13.22
N ALA A 41 -7.25 -16.76 -13.92
CA ALA A 41 -7.43 -17.61 -15.09
C ALA A 41 -6.64 -17.15 -16.32
N SER A 42 -6.38 -15.87 -16.44
CA SER A 42 -5.90 -15.36 -17.74
C SER A 42 -4.43 -15.64 -18.01
N GLN A 43 -3.63 -15.72 -16.96
CA GLN A 43 -2.17 -15.85 -17.06
C GLN A 43 -1.59 -14.77 -17.95
N ARG A 44 -2.14 -13.56 -17.86
CA ARG A 44 -1.60 -12.42 -18.59
C ARG A 44 -1.40 -11.25 -17.62
N MET A 45 -0.47 -10.35 -17.92
CA MET A 45 -0.48 -9.07 -17.21
C MET A 45 -1.81 -8.41 -17.58
N GLU A 46 -2.49 -7.85 -16.58
CA GLU A 46 -3.83 -7.25 -16.78
C GLU A 46 -3.86 -5.77 -16.43
N PRO A 47 -4.67 -5.00 -17.18
CA PRO A 47 -4.79 -3.57 -16.92
C PRO A 47 -5.64 -3.31 -15.67
N ARG A 48 -5.34 -2.25 -14.93
CA ARG A 48 -6.14 -1.85 -13.76
C ARG A 48 -6.36 -0.34 -13.73
N ALA A 49 -5.93 0.34 -14.77
CA ALA A 49 -6.24 1.76 -14.97
C ALA A 49 -6.60 1.98 -16.43
N PRO A 50 -7.58 2.86 -16.71
CA PRO A 50 -8.06 3.00 -18.07
C PRO A 50 -6.98 3.45 -19.04
N TRP A 51 -6.11 4.35 -18.58
CA TRP A 51 -5.10 4.92 -19.46
C TRP A 51 -4.02 3.93 -19.93
N ILE A 52 -3.89 2.79 -19.22
CA ILE A 52 -2.95 1.75 -19.66
C ILE A 52 -3.54 0.87 -20.77
N GLU A 53 -4.87 0.88 -20.89
CA GLU A 53 -5.53 0.12 -21.96
C GLU A 53 -5.24 0.68 -23.36
N GLN A 54 -4.56 1.82 -23.41
CA GLN A 54 -4.13 2.44 -24.67
C GLN A 54 -2.99 1.64 -25.32
N GLU A 55 -2.26 0.87 -24.50
CA GLU A 55 -1.16 0.04 -25.00
C GLU A 55 -1.70 -1.15 -25.79
N GLY A 56 -1.01 -1.50 -26.87
CA GLY A 56 -1.48 -2.57 -27.74
C GLY A 56 -1.08 -3.96 -27.26
N PRO A 57 -1.47 -5.00 -28.04
CA PRO A 57 -1.07 -6.39 -27.79
C PRO A 57 0.43 -6.60 -27.62
N GLU A 58 1.27 -5.86 -28.36
CA GLU A 58 2.74 -5.96 -28.19
C GLU A 58 3.21 -5.62 -26.79
N TYR A 59 2.52 -4.67 -26.14
CA TYR A 59 2.82 -4.33 -24.75
C TYR A 59 2.43 -5.49 -23.84
N TRP A 60 1.20 -5.96 -23.99
CA TRP A 60 0.69 -7.00 -23.10
C TRP A 60 1.47 -8.30 -23.22
N ASP A 61 1.89 -8.63 -24.44
CA ASP A 61 2.73 -9.81 -24.69
C ASP A 61 4.05 -9.69 -23.94
N GLY A 62 4.71 -8.55 -24.08
CA GLY A 62 6.02 -8.34 -23.46
C GLY A 62 5.98 -8.28 -21.93
N GLU A 63 4.96 -7.62 -21.38
CA GLU A 63 4.86 -7.51 -19.93
C GLU A 63 4.49 -8.87 -19.31
N THR A 64 3.68 -9.66 -20.01
CA THR A 64 3.34 -11.02 -19.58
C THR A 64 4.58 -11.92 -19.57
N ARG A 65 5.43 -11.73 -20.57
N ARG A 65 5.43 -11.77 -20.58
CA ARG A 65 6.64 -12.54 -20.75
CA ARG A 65 6.63 -12.60 -20.64
C ARG A 65 7.67 -12.21 -19.67
C ARG A 65 7.59 -12.22 -19.54
N LYS A 66 7.82 -10.93 -19.36
CA LYS A 66 8.76 -10.50 -18.34
C LYS A 66 8.26 -10.91 -16.97
N VAL A 67 6.97 -10.70 -16.72
CA VAL A 67 6.44 -10.98 -15.38
C VAL A 67 6.47 -12.49 -15.08
N LYS A 68 6.21 -13.34 -16.08
CA LYS A 68 6.34 -14.77 -15.87
C LYS A 68 7.83 -15.16 -15.62
N ALA A 69 8.75 -14.50 -16.32
CA ALA A 69 10.17 -14.72 -16.04
C ALA A 69 10.51 -14.28 -14.61
N HIS A 70 9.90 -13.18 -14.17
CA HIS A 70 10.10 -12.74 -12.78
C HIS A 70 9.68 -13.86 -11.83
N SER A 71 8.50 -14.44 -12.07
N SER A 71 8.50 -14.44 -12.08
CA SER A 71 7.96 -15.44 -11.16
CA SER A 71 7.94 -15.44 -11.18
C SER A 71 8.82 -16.70 -11.10
C SER A 71 8.78 -16.72 -11.11
N GLN A 72 9.30 -17.14 -12.27
CA GLN A 72 10.16 -18.33 -12.31
C GLN A 72 11.44 -18.08 -11.51
N THR A 73 11.98 -16.87 -11.57
CA THR A 73 13.17 -16.55 -10.79
C THR A 73 12.86 -16.69 -9.30
N HIS A 74 11.76 -16.10 -8.87
CA HIS A 74 11.35 -16.22 -7.48
C HIS A 74 11.17 -17.67 -7.08
N ARG A 75 10.71 -18.49 -8.03
CA ARG A 75 10.44 -19.88 -7.73
C ARG A 75 11.75 -20.56 -7.37
N VAL A 76 12.75 -20.32 -8.19
CA VAL A 76 14.06 -20.90 -7.97
C VAL A 76 14.66 -20.34 -6.69
N ASP A 77 14.49 -19.04 -6.45
CA ASP A 77 14.98 -18.39 -5.25
C ASP A 77 14.47 -19.08 -3.97
N LEU A 78 13.18 -19.37 -3.93
CA LEU A 78 12.62 -19.98 -2.73
C LEU A 78 13.36 -21.26 -2.35
N GLY A 79 13.75 -22.05 -3.35
CA GLY A 79 14.53 -23.28 -3.07
C GLY A 79 15.97 -23.02 -2.66
N THR A 80 16.59 -22.01 -3.29
CA THR A 80 17.97 -21.64 -2.97
C THR A 80 18.06 -21.13 -1.55
N LEU A 81 17.14 -20.23 -1.20
CA LEU A 81 17.08 -19.63 0.12
C LEU A 81 16.82 -20.67 1.20
N ARG A 82 15.94 -21.63 0.90
CA ARG A 82 15.71 -22.75 1.80
C ARG A 82 17.04 -23.44 2.10
N GLY A 83 17.85 -23.60 1.06
CA GLY A 83 19.15 -24.24 1.22
C GLY A 83 20.13 -23.37 1.98
N TYR A 84 20.19 -22.09 1.64
CA TYR A 84 21.04 -21.12 2.34
C TYR A 84 20.76 -21.13 3.83
N TYR A 85 19.48 -21.16 4.20
CA TYR A 85 19.10 -21.03 5.61
C TYR A 85 18.84 -22.38 6.29
N ASN A 86 19.21 -23.47 5.61
CA ASN A 86 18.99 -24.83 6.11
C ASN A 86 17.59 -25.08 6.63
N GLN A 87 16.58 -24.77 5.82
CA GLN A 87 15.19 -24.96 6.26
C GLN A 87 14.60 -26.19 5.59
N SER A 88 13.55 -26.75 6.19
CA SER A 88 12.92 -27.97 5.64
C SER A 88 11.98 -27.61 4.51
N GLU A 89 11.37 -28.63 3.91
CA GLU A 89 10.37 -28.42 2.84
C GLU A 89 8.99 -28.23 3.45
N ALA A 90 8.88 -28.39 4.76
CA ALA A 90 7.59 -28.43 5.45
C ALA A 90 6.85 -27.09 5.56
N GLY A 91 7.59 -25.98 5.71
CA GLY A 91 6.99 -24.66 5.92
C GLY A 91 6.85 -23.79 4.67
N SER A 92 5.92 -22.85 4.71
CA SER A 92 5.78 -21.87 3.64
C SER A 92 6.72 -20.69 3.90
N HIS A 93 7.33 -20.15 2.84
CA HIS A 93 8.20 -18.98 2.97
C HIS A 93 7.88 -17.94 1.90
N THR A 94 8.40 -16.73 2.11
CA THR A 94 8.01 -15.60 1.30
C THR A 94 9.23 -14.89 0.71
N VAL A 95 9.12 -14.54 -0.56
CA VAL A 95 10.09 -13.64 -1.17
C VAL A 95 9.35 -12.39 -1.63
N GLN A 96 9.89 -11.22 -1.33
CA GLN A 96 9.37 -9.95 -1.80
C GLN A 96 10.46 -9.18 -2.54
N ARG A 97 10.09 -8.54 -3.63
CA ARG A 97 10.96 -7.67 -4.40
C ARG A 97 10.21 -6.38 -4.71
N MET A 98 10.87 -5.24 -4.55
CA MET A 98 10.29 -3.97 -5.00
C MET A 98 11.34 -3.22 -5.80
N TYR A 99 10.95 -2.64 -6.93
CA TYR A 99 11.81 -1.72 -7.66
C TYR A 99 11.07 -0.57 -8.33
N GLY A 100 11.81 0.46 -8.71
CA GLY A 100 11.18 1.56 -9.41
C GLY A 100 11.99 2.83 -9.29
N CYS A 101 11.41 3.91 -9.80
N CYS A 101 11.46 3.91 -9.87
CA CYS A 101 12.13 5.17 -10.03
CA CYS A 101 12.18 5.16 -9.85
C CYS A 101 11.31 6.41 -9.60
C CYS A 101 11.29 6.31 -9.40
N ASP A 102 11.95 7.36 -8.92
CA ASP A 102 11.32 8.64 -8.58
C ASP A 102 11.82 9.71 -9.54
N VAL A 103 10.93 10.62 -9.90
CA VAL A 103 11.31 11.81 -10.66
C VAL A 103 10.71 13.03 -9.96
N GLY A 104 11.36 14.18 -10.14
CA GLY A 104 10.91 15.43 -9.55
C GLY A 104 9.87 16.12 -10.41
N SER A 105 9.62 17.39 -10.11
CA SER A 105 8.61 18.19 -10.80
C SER A 105 8.93 18.37 -12.29
N ASP A 106 10.22 18.35 -12.63
CA ASP A 106 10.65 18.42 -14.03
C ASP A 106 10.59 17.07 -14.74
N TRP A 107 10.11 16.04 -14.02
CA TRP A 107 10.07 14.66 -14.51
C TRP A 107 11.46 14.09 -14.84
N ARG A 108 12.49 14.70 -14.28
CA ARG A 108 13.84 14.17 -14.44
C ARG A 108 14.19 13.19 -13.34
N PHE A 109 15.05 12.24 -13.65
CA PHE A 109 15.43 11.18 -12.72
C PHE A 109 15.91 11.75 -11.40
N LEU A 110 15.35 11.26 -10.31
CA LEU A 110 15.75 11.68 -8.97
C LEU A 110 16.46 10.54 -8.24
N ARG A 111 15.83 9.36 -8.21
N ARG A 111 15.84 9.35 -8.25
CA ARG A 111 16.38 8.24 -7.46
CA ARG A 111 16.27 8.26 -7.40
C ARG A 111 15.81 6.94 -7.98
C ARG A 111 15.79 6.92 -7.99
N GLY A 112 16.52 5.84 -7.75
CA GLY A 112 16.09 4.52 -8.19
C GLY A 112 16.30 3.53 -7.08
N TYR A 113 15.61 2.40 -7.13
CA TYR A 113 15.71 1.42 -6.07
C TYR A 113 15.39 0.00 -6.56
N HIS A 114 15.96 -0.97 -5.88
CA HIS A 114 15.68 -2.37 -6.15
C HIS A 114 16.05 -3.15 -4.91
N GLN A 115 15.04 -3.61 -4.20
CA GLN A 115 15.32 -4.26 -2.94
C GLN A 115 14.57 -5.56 -2.84
N TYR A 116 15.09 -6.46 -2.01
N TYR A 116 15.10 -6.45 -2.00
CA TYR A 116 14.62 -7.85 -1.96
CA TYR A 116 14.66 -7.83 -1.93
C TYR A 116 14.63 -8.33 -0.51
C TYR A 116 14.57 -8.24 -0.46
N ALA A 117 13.57 -9.04 -0.11
CA ALA A 117 13.45 -9.52 1.27
C ALA A 117 13.08 -10.99 1.29
N TYR A 118 13.60 -11.72 2.27
CA TYR A 118 13.20 -13.12 2.50
C TYR A 118 12.53 -13.26 3.85
N ASP A 119 11.33 -13.83 3.85
CA ASP A 119 10.53 -13.98 5.05
C ASP A 119 10.39 -12.66 5.80
N GLY A 120 10.20 -11.59 5.05
CA GLY A 120 9.86 -10.30 5.66
C GLY A 120 11.03 -9.53 6.22
N LYS A 121 12.24 -10.05 6.03
CA LYS A 121 13.44 -9.36 6.50
C LYS A 121 14.34 -8.92 5.36
N ASP A 122 15.04 -7.80 5.54
CA ASP A 122 15.97 -7.30 4.55
C ASP A 122 16.90 -8.43 4.13
N TYR A 123 17.17 -8.56 2.83
CA TYR A 123 18.11 -9.54 2.35
C TYR A 123 19.21 -8.83 1.54
N ILE A 124 18.86 -8.27 0.39
CA ILE A 124 19.80 -7.50 -0.41
C ILE A 124 19.08 -6.32 -1.09
N ALA A 125 19.77 -5.19 -1.19
CA ALA A 125 19.20 -3.97 -1.73
C ALA A 125 20.28 -3.22 -2.48
N LEU A 126 19.88 -2.62 -3.59
CA LEU A 126 20.77 -1.82 -4.38
C LEU A 126 20.90 -0.49 -3.69
N LYS A 127 22.13 -0.03 -3.51
CA LYS A 127 22.37 1.24 -2.81
C LYS A 127 22.03 2.42 -3.71
N GLU A 128 22.00 3.61 -3.11
CA GLU A 128 21.48 4.82 -3.76
C GLU A 128 22.24 5.16 -5.03
N ASP A 129 23.53 4.86 -5.05
CA ASP A 129 24.34 5.13 -6.23
C ASP A 129 24.10 4.14 -7.35
N LEU A 130 23.25 3.13 -7.12
CA LEU A 130 22.92 2.17 -8.16
C LEU A 130 24.16 1.44 -8.67
N ARG A 131 25.20 1.41 -7.86
CA ARG A 131 26.45 0.76 -8.25
C ARG A 131 26.88 -0.39 -7.33
N SER A 132 26.35 -0.45 -6.12
N SER A 132 26.32 -0.43 -6.13
CA SER A 132 26.72 -1.55 -5.23
CA SER A 132 26.75 -1.35 -5.08
C SER A 132 25.57 -1.94 -4.32
C SER A 132 25.55 -1.95 -4.33
N TRP A 133 25.81 -2.95 -3.49
CA TRP A 133 24.74 -3.66 -2.78
C TRP A 133 24.88 -3.66 -1.26
N THR A 134 23.75 -3.64 -0.57
CA THR A 134 23.70 -3.81 0.86
C THR A 134 23.17 -5.23 1.15
N ALA A 135 24.05 -6.10 1.65
CA ALA A 135 23.71 -7.49 1.89
C ALA A 135 23.65 -7.69 3.39
N ALA A 136 22.48 -8.12 3.88
CA ALA A 136 22.23 -8.15 5.32
C ALA A 136 22.98 -9.20 6.13
N ASP A 137 23.23 -10.36 5.52
CA ASP A 137 23.89 -11.45 6.19
C ASP A 137 24.76 -12.28 5.24
N MET A 138 25.22 -13.44 5.69
CA MET A 138 26.23 -14.14 4.91
C MET A 138 25.60 -14.84 3.68
N ALA A 139 24.34 -15.20 3.77
CA ALA A 139 23.61 -15.71 2.61
C ALA A 139 23.47 -14.63 1.55
N ALA A 140 22.99 -13.46 1.97
CA ALA A 140 22.82 -12.36 1.03
C ALA A 140 24.16 -11.92 0.43
N GLN A 141 25.24 -12.15 1.18
CA GLN A 141 26.57 -11.81 0.70
C GLN A 141 26.98 -12.76 -0.42
N THR A 142 26.62 -14.03 -0.28
CA THR A 142 26.84 -14.96 -1.39
C THR A 142 26.08 -14.51 -2.64
N THR A 143 24.83 -14.09 -2.46
CA THR A 143 24.06 -13.52 -3.57
C THR A 143 24.75 -12.27 -4.15
N LYS A 144 25.24 -11.37 -3.29
CA LYS A 144 25.93 -10.16 -3.78
C LYS A 144 27.07 -10.56 -4.70
N HIS A 145 27.83 -11.57 -4.30
CA HIS A 145 28.93 -12.04 -5.15
C HIS A 145 28.45 -12.50 -6.53
N LYS A 146 27.36 -13.28 -6.56
CA LYS A 146 26.74 -13.71 -7.83
C LYS A 146 26.33 -12.52 -8.69
N TRP A 147 25.69 -11.55 -8.06
CA TRP A 147 25.11 -10.44 -8.80
C TRP A 147 26.19 -9.47 -9.31
N GLU A 148 27.29 -9.34 -8.56
CA GLU A 148 28.43 -8.56 -9.01
C GLU A 148 29.06 -9.18 -10.25
N ALA A 149 29.32 -10.48 -10.18
CA ALA A 149 29.92 -11.18 -11.32
C ALA A 149 29.01 -11.18 -12.55
N ALA A 150 27.70 -11.02 -12.36
CA ALA A 150 26.81 -10.92 -13.54
C ALA A 150 26.42 -9.47 -13.89
N HIS A 151 27.04 -8.50 -13.23
CA HIS A 151 26.78 -7.09 -13.52
C HIS A 151 25.32 -6.72 -13.42
N VAL A 152 24.66 -7.26 -12.40
CA VAL A 152 23.25 -6.98 -12.18
C VAL A 152 23.04 -5.49 -11.96
N ALA A 153 23.88 -4.88 -11.13
CA ALA A 153 23.69 -3.46 -10.80
C ALA A 153 23.69 -2.62 -12.06
N GLU A 154 24.63 -2.94 -12.96
CA GLU A 154 24.78 -2.23 -14.23
C GLU A 154 23.49 -2.31 -15.04
N GLN A 155 22.94 -3.50 -15.16
CA GLN A 155 21.69 -3.66 -15.88
C GLN A 155 20.53 -2.89 -15.23
N LEU A 156 20.37 -3.03 -13.92
CA LEU A 156 19.29 -2.36 -13.20
C LEU A 156 19.41 -0.83 -13.28
N ARG A 157 20.64 -0.34 -13.18
CA ARG A 157 20.89 1.09 -13.29
C ARG A 157 20.40 1.58 -14.65
N ALA A 158 20.76 0.84 -15.69
CA ALA A 158 20.39 1.20 -17.05
C ALA A 158 18.89 1.41 -17.10
N TYR A 159 18.18 0.48 -16.48
CA TYR A 159 16.72 0.47 -16.48
C TYR A 159 16.18 1.65 -15.67
N LEU A 160 16.65 1.78 -14.43
CA LEU A 160 16.15 2.77 -13.49
C LEU A 160 16.32 4.18 -14.07
N GLU A 161 17.45 4.42 -14.71
CA GLU A 161 17.77 5.75 -15.24
C GLU A 161 17.19 5.98 -16.63
N GLY A 162 16.89 4.88 -17.33
CA GLY A 162 16.41 4.95 -18.70
C GLY A 162 14.95 4.59 -18.86
N THR A 163 14.69 3.33 -19.18
CA THR A 163 13.34 2.80 -19.38
C THR A 163 12.34 3.24 -18.30
N CYS A 164 12.70 3.04 -17.05
N CYS A 164 12.74 3.20 -17.03
CA CYS A 164 11.79 3.27 -15.94
CA CYS A 164 11.86 3.65 -15.95
C CYS A 164 11.27 4.70 -16.02
C CYS A 164 11.40 5.10 -16.15
N VAL A 165 12.19 5.65 -16.19
N VAL A 165 12.36 6.03 -16.17
CA VAL A 165 11.86 7.06 -16.29
CA VAL A 165 12.01 7.42 -16.34
C VAL A 165 11.10 7.40 -17.57
C VAL A 165 11.20 7.63 -17.62
N GLU A 166 11.65 7.02 -18.72
CA GLU A 166 11.00 7.24 -20.01
C GLU A 166 9.57 6.71 -20.02
N TRP A 167 9.35 5.55 -19.44
CA TRP A 167 7.99 4.98 -19.44
C TRP A 167 7.09 5.62 -18.39
N LEU A 168 7.63 6.01 -17.24
CA LEU A 168 6.85 6.80 -16.28
C LEU A 168 6.28 8.06 -16.95
N ARG A 169 7.13 8.79 -17.67
CA ARG A 169 6.73 9.97 -18.43
C ARG A 169 5.59 9.64 -19.40
N ARG A 170 5.76 8.58 -20.19
CA ARG A 170 4.72 8.17 -21.14
C ARG A 170 3.38 7.97 -20.40
N TYR A 171 3.40 7.26 -19.28
CA TYR A 171 2.16 7.01 -18.52
C TYR A 171 1.53 8.32 -18.01
N LEU A 172 2.35 9.20 -17.45
CA LEU A 172 1.87 10.49 -16.95
C LEU A 172 1.20 11.33 -18.03
N GLU A 173 1.75 11.27 -19.24
CA GLU A 173 1.15 11.93 -20.39
C GLU A 173 -0.16 11.26 -20.79
N ASN A 174 -0.07 9.95 -21.08
CA ASN A 174 -1.26 9.19 -21.47
C ASN A 174 -2.39 9.25 -20.45
N GLY A 175 -2.06 9.34 -19.16
CA GLY A 175 -3.08 9.31 -18.12
C GLY A 175 -3.29 10.67 -17.47
N LYS A 176 -2.93 11.73 -18.18
CA LYS A 176 -2.90 13.06 -17.59
C LYS A 176 -4.20 13.48 -16.90
N GLU A 177 -5.33 13.13 -17.51
CA GLU A 177 -6.64 13.52 -16.99
C GLU A 177 -6.77 13.23 -15.50
N THR A 178 -6.24 12.09 -15.04
CA THR A 178 -6.28 11.75 -13.61
C THR A 178 -4.91 11.74 -12.96
N LEU A 179 -3.90 11.22 -13.65
CA LEU A 179 -2.56 11.16 -13.08
C LEU A 179 -1.97 12.51 -12.73
N GLN A 180 -2.22 13.52 -13.56
CA GLN A 180 -1.68 14.87 -13.27
C GLN A 180 -2.68 15.77 -12.55
N ARG A 181 -3.79 15.21 -12.11
CA ARG A 181 -4.77 15.99 -11.35
C ARG A 181 -4.53 15.77 -9.86
N THR A 182 -4.49 16.85 -9.09
CA THR A 182 -4.45 16.71 -7.64
C THR A 182 -5.86 16.89 -7.10
N ASP A 183 -6.24 16.09 -6.11
CA ASP A 183 -7.53 16.24 -5.47
C ASP A 183 -7.27 16.74 -4.04
N ALA A 184 -7.62 17.99 -3.76
CA ALA A 184 -7.45 18.61 -2.43
C ALA A 184 -8.29 17.90 -1.38
N PRO A 185 -7.77 17.77 -0.17
CA PRO A 185 -8.62 17.11 0.82
C PRO A 185 -9.90 17.88 1.13
N LYS A 186 -10.99 17.14 1.29
N LYS A 186 -10.99 17.15 1.29
N LYS A 186 -10.99 17.15 1.28
CA LYS A 186 -12.25 17.71 1.73
CA LYS A 186 -12.23 17.76 1.74
CA LYS A 186 -12.23 17.73 1.75
C LYS A 186 -12.29 17.59 3.25
C LYS A 186 -12.30 17.60 3.25
C LYS A 186 -12.26 17.60 3.25
N THR A 187 -12.27 18.73 3.95
CA THR A 187 -12.11 18.72 5.42
C THR A 187 -13.33 19.11 6.24
N HIS A 188 -13.42 18.57 7.44
CA HIS A 188 -14.43 18.97 8.41
C HIS A 188 -14.02 18.47 9.79
N MET A 189 -14.71 18.94 10.83
CA MET A 189 -14.33 18.59 12.21
C MET A 189 -15.54 18.08 12.95
N THR A 190 -15.35 17.03 13.74
CA THR A 190 -16.44 16.55 14.60
C THR A 190 -16.07 16.71 16.08
N HIS A 191 -17.09 16.68 16.94
CA HIS A 191 -16.96 16.90 18.37
C HIS A 191 -17.68 15.77 19.09
N HIS A 192 -17.05 15.22 20.14
CA HIS A 192 -17.69 14.20 20.97
C HIS A 192 -17.39 14.48 22.45
N ALA A 193 -18.37 14.26 23.32
CA ALA A 193 -18.15 14.42 24.76
C ALA A 193 -17.96 13.07 25.42
N VAL A 194 -16.82 12.85 26.09
CA VAL A 194 -16.60 11.57 26.78
C VAL A 194 -17.13 11.61 28.23
N SER A 195 -16.96 12.77 28.86
CA SER A 195 -17.53 13.02 30.18
C SER A 195 -17.85 14.49 30.28
N ASP A 196 -18.16 14.96 31.48
CA ASP A 196 -18.49 16.37 31.69
C ASP A 196 -17.28 17.28 31.60
N HIS A 197 -16.08 16.70 31.62
CA HIS A 197 -14.89 17.54 31.60
C HIS A 197 -13.99 17.36 30.37
N GLU A 198 -14.29 16.36 29.54
CA GLU A 198 -13.35 16.03 28.46
C GLU A 198 -14.10 15.88 27.14
N ALA A 199 -13.59 16.50 26.08
CA ALA A 199 -14.16 16.34 24.74
C ALA A 199 -13.10 15.97 23.72
N THR A 200 -13.52 15.30 22.66
CA THR A 200 -12.65 14.93 21.56
C THR A 200 -13.02 15.76 20.35
N LEU A 201 -12.00 16.27 19.67
CA LEU A 201 -12.18 16.94 18.39
C LEU A 201 -11.51 16.05 17.36
N ARG A 202 -12.20 15.71 16.27
CA ARG A 202 -11.57 14.92 15.21
C ARG A 202 -11.58 15.73 13.93
N CYS A 203 -10.40 15.86 13.33
CA CYS A 203 -10.23 16.66 12.13
C CYS A 203 -10.02 15.70 10.96
N TRP A 204 -10.95 15.74 10.01
CA TRP A 204 -11.01 14.77 8.92
C TRP A 204 -10.49 15.35 7.63
N ALA A 205 -9.76 14.54 6.85
CA ALA A 205 -9.47 14.90 5.46
C ALA A 205 -9.96 13.74 4.61
N LEU A 206 -10.69 14.02 3.56
CA LEU A 206 -11.27 12.95 2.74
C LEU A 206 -11.05 13.23 1.27
N SER A 207 -11.07 12.17 0.46
N SER A 207 -11.10 12.17 0.47
CA SER A 207 -11.18 12.32 -0.99
CA SER A 207 -11.16 12.29 -0.99
C SER A 207 -9.94 12.94 -1.66
C SER A 207 -9.96 13.02 -1.59
N PHE A 208 -8.77 12.80 -1.03
CA PHE A 208 -7.57 13.44 -1.52
C PHE A 208 -6.66 12.52 -2.33
N TYR A 209 -5.89 13.14 -3.22
CA TYR A 209 -4.93 12.43 -4.09
C TYR A 209 -3.87 13.43 -4.50
N PRO A 210 -2.57 13.07 -4.40
CA PRO A 210 -2.04 11.76 -3.97
C PRO A 210 -2.16 11.54 -2.46
N ALA A 211 -1.65 10.41 -1.99
CA ALA A 211 -1.86 10.01 -0.57
C ALA A 211 -1.12 10.87 0.46
N GLU A 212 0.02 11.41 0.08
N GLU A 212 0.01 11.42 0.07
CA GLU A 212 0.84 12.17 1.04
CA GLU A 212 0.83 12.27 0.94
C GLU A 212 0.10 13.39 1.54
C GLU A 212 0.00 13.38 1.53
N ILE A 213 0.03 13.52 2.86
CA ILE A 213 -0.69 14.60 3.51
C ILE A 213 -0.11 14.77 4.91
N THR A 214 -0.29 15.96 5.48
N THR A 214 -0.23 15.96 5.48
CA THR A 214 0.12 16.26 6.85
CA THR A 214 0.10 16.14 6.89
C THR A 214 -1.04 16.91 7.60
C THR A 214 -1.01 16.89 7.60
N LEU A 215 -1.45 16.31 8.73
CA LEU A 215 -2.50 16.86 9.58
C LEU A 215 -1.95 17.04 10.98
N THR A 216 -2.13 18.22 11.54
CA THR A 216 -1.56 18.54 12.84
C THR A 216 -2.52 19.43 13.62
N TRP A 217 -2.34 19.46 14.94
CA TRP A 217 -3.10 20.31 15.84
C TRP A 217 -2.20 21.37 16.42
N GLN A 218 -2.81 22.49 16.81
CA GLN A 218 -2.14 23.53 17.55
C GLN A 218 -3.03 23.93 18.71
N ARG A 219 -2.40 24.29 19.82
CA ARG A 219 -3.11 24.84 20.96
C ARG A 219 -2.58 26.26 21.20
N ASP A 220 -3.48 27.24 21.11
CA ASP A 220 -3.10 28.65 21.21
C ASP A 220 -1.95 28.98 20.25
N GLY A 221 -1.99 28.39 19.06
CA GLY A 221 -0.96 28.63 18.04
C GLY A 221 0.33 27.86 18.24
N GLU A 222 0.40 27.00 19.24
CA GLU A 222 1.58 26.15 19.44
C GLU A 222 1.30 24.69 19.09
N ASP A 223 2.22 24.05 18.38
CA ASP A 223 2.10 22.61 18.05
C ASP A 223 1.76 21.76 19.27
N GLN A 224 0.82 20.84 19.06
CA GLN A 224 0.29 19.98 20.12
C GLN A 224 0.28 18.54 19.61
N THR A 225 1.10 17.68 20.23
CA THR A 225 1.13 16.26 19.86
C THR A 225 0.67 15.34 20.99
N GLN A 226 0.88 15.78 22.23
CA GLN A 226 0.28 15.11 23.39
C GLN A 226 -1.25 15.05 23.29
N ASP A 227 -1.82 13.92 23.71
CA ASP A 227 -3.27 13.76 23.74
C ASP A 227 -3.91 13.84 22.37
N THR A 228 -3.13 13.49 21.36
CA THR A 228 -3.62 13.40 19.98
C THR A 228 -3.50 11.98 19.46
N GLU A 229 -4.41 11.61 18.58
CA GLU A 229 -4.28 10.36 17.86
C GLU A 229 -4.43 10.57 16.36
N LEU A 230 -3.47 10.03 15.61
CA LEU A 230 -3.41 10.20 14.15
C LEU A 230 -3.45 8.81 13.50
N VAL A 231 -4.46 8.56 12.66
CA VAL A 231 -4.59 7.26 12.00
C VAL A 231 -3.74 7.14 10.74
N GLU A 232 -3.42 5.91 10.37
CA GLU A 232 -2.71 5.60 9.15
C GLU A 232 -3.56 6.08 7.97
N THR A 233 -2.93 6.72 6.99
CA THR A 233 -3.65 7.13 5.77
C THR A 233 -4.24 5.86 5.11
N ARG A 234 -5.52 5.92 4.72
CA ARG A 234 -6.23 4.74 4.25
C ARG A 234 -6.92 4.98 2.90
N PRO A 235 -7.07 3.92 2.07
CA PRO A 235 -7.74 4.05 0.79
C PRO A 235 -9.27 4.13 0.94
N ALA A 236 -9.88 5.09 0.26
CA ALA A 236 -11.32 5.18 0.17
C ALA A 236 -11.90 4.01 -0.62
N GLY A 237 -11.20 3.56 -1.65
CA GLY A 237 -11.70 2.48 -2.51
C GLY A 237 -12.05 2.96 -3.91
N ASP A 238 -12.03 4.29 -4.09
CA ASP A 238 -12.33 4.91 -5.38
C ASP A 238 -11.10 5.63 -5.96
N GLY A 239 -9.90 5.23 -5.51
CA GLY A 239 -8.67 5.87 -5.96
C GLY A 239 -8.14 7.01 -5.06
N THR A 240 -8.99 7.53 -4.17
CA THR A 240 -8.59 8.59 -3.26
C THR A 240 -8.37 8.09 -1.82
N PHE A 241 -7.92 8.99 -0.96
CA PHE A 241 -7.44 8.63 0.36
C PHE A 241 -8.10 9.43 1.50
N GLN A 242 -7.96 8.92 2.72
CA GLN A 242 -8.62 9.47 3.90
C GLN A 242 -7.64 9.41 5.05
N LYS A 243 -7.80 10.32 6.00
CA LYS A 243 -6.99 10.33 7.21
C LYS A 243 -7.72 11.22 8.18
N TRP A 244 -7.59 10.93 9.48
CA TRP A 244 -8.02 11.90 10.50
C TRP A 244 -7.00 12.01 11.64
N VAL A 245 -7.02 13.15 12.33
CA VAL A 245 -6.23 13.36 13.55
C VAL A 245 -7.17 13.91 14.63
N ALA A 246 -7.11 13.31 15.82
CA ALA A 246 -7.98 13.74 16.92
C ALA A 246 -7.19 14.28 18.11
N VAL A 247 -7.80 15.19 18.86
CA VAL A 247 -7.19 15.73 20.07
C VAL A 247 -8.21 15.69 21.20
N VAL A 248 -7.75 15.36 22.41
CA VAL A 248 -8.59 15.41 23.60
C VAL A 248 -8.35 16.75 24.31
N VAL A 249 -9.42 17.46 24.65
CA VAL A 249 -9.34 18.82 25.22
C VAL A 249 -10.30 19.02 26.41
N PRO A 250 -10.01 19.98 27.30
CA PRO A 250 -10.95 20.26 28.40
C PRO A 250 -12.24 20.81 27.82
N SER A 251 -13.38 20.27 28.26
CA SER A 251 -14.67 20.77 27.80
C SER A 251 -14.75 22.28 27.98
N GLY A 252 -15.06 22.99 26.90
CA GLY A 252 -15.18 24.45 26.99
C GLY A 252 -13.96 25.19 26.47
N GLN A 253 -12.88 24.47 26.24
CA GLN A 253 -11.67 25.09 25.75
C GLN A 253 -11.40 24.77 24.27
N GLU A 254 -12.44 24.26 23.60
CA GLU A 254 -12.37 23.86 22.20
C GLU A 254 -11.79 24.95 21.31
N GLN A 255 -12.09 26.21 21.61
CA GLN A 255 -11.68 27.32 20.74
C GLN A 255 -10.17 27.55 20.67
N ARG A 256 -9.43 27.05 21.65
CA ARG A 256 -7.96 27.16 21.63
C ARG A 256 -7.31 26.31 20.54
N TYR A 257 -8.04 25.32 20.05
CA TYR A 257 -7.44 24.26 19.21
C TYR A 257 -7.80 24.43 17.75
N THR A 258 -6.77 24.40 16.90
CA THR A 258 -6.95 24.54 15.47
C THR A 258 -6.28 23.37 14.77
N CYS A 259 -6.90 22.90 13.68
CA CYS A 259 -6.32 21.80 12.89
C CYS A 259 -5.70 22.36 11.61
N HIS A 260 -4.52 21.88 11.26
CA HIS A 260 -3.79 22.40 10.09
C HIS A 260 -3.54 21.30 9.07
N VAL A 261 -3.79 21.61 7.80
CA VAL A 261 -3.78 20.59 6.76
C VAL A 261 -2.89 21.05 5.61
N GLN A 262 -1.90 20.24 5.27
CA GLN A 262 -1.06 20.53 4.13
C GLN A 262 -1.17 19.40 3.13
N HIS A 263 -1.27 19.76 1.85
CA HIS A 263 -1.43 18.79 0.79
C HIS A 263 -1.04 19.46 -0.52
N GLU A 264 -0.52 18.68 -1.47
CA GLU A 264 -0.09 19.20 -2.78
C GLU A 264 -1.24 19.91 -3.51
N GLY A 265 -2.47 19.47 -3.31
CA GLY A 265 -3.60 20.11 -3.99
C GLY A 265 -4.12 21.39 -3.35
N LEU A 266 -3.53 21.81 -2.25
CA LEU A 266 -3.90 23.04 -1.56
C LEU A 266 -2.80 24.09 -1.77
N PRO A 267 -3.09 25.17 -2.50
CA PRO A 267 -2.04 26.19 -2.69
C PRO A 267 -1.59 26.82 -1.36
N LYS A 268 -2.52 26.95 -0.42
CA LYS A 268 -2.22 27.45 0.92
C LYS A 268 -2.62 26.40 1.96
N PRO A 269 -1.81 26.22 3.02
CA PRO A 269 -2.27 25.38 4.14
C PRO A 269 -3.64 25.84 4.65
N LEU A 270 -4.40 24.88 5.16
CA LEU A 270 -5.80 25.08 5.52
C LEU A 270 -5.94 25.00 7.04
N THR A 271 -6.77 25.87 7.62
CA THR A 271 -7.01 25.85 9.07
C THR A 271 -8.47 25.63 9.44
N LEU A 272 -8.73 24.71 10.36
CA LEU A 272 -10.10 24.47 10.82
C LEU A 272 -10.19 24.64 12.33
N ARG A 273 -11.38 25.00 12.81
CA ARG A 273 -11.62 25.13 14.23
C ARG A 273 -13.06 24.73 14.52
N TRP A 274 -13.31 24.31 15.75
CA TRP A 274 -14.66 23.97 16.14
C TRP A 274 -15.45 25.23 16.48
N GLU A 275 -16.69 25.30 16.02
CA GLU A 275 -17.59 26.38 16.44
C GLU A 275 -18.98 25.87 16.79
N MET B 1 11.46 -16.79 12.16
CA MET B 1 10.30 -16.30 11.37
C MET B 1 9.66 -15.06 12.01
N ILE B 2 9.90 -13.89 11.42
CA ILE B 2 9.24 -12.68 11.93
C ILE B 2 7.72 -12.80 11.76
N GLN B 3 6.98 -12.31 12.74
CA GLN B 3 5.53 -12.28 12.64
C GLN B 3 5.05 -10.91 13.09
N ARG B 4 4.15 -10.32 12.31
CA ARG B 4 3.60 -9.01 12.64
C ARG B 4 2.07 -9.06 12.54
N THR B 5 1.39 -8.64 13.61
N THR B 5 1.38 -8.69 13.61
CA THR B 5 -0.06 -8.63 13.70
CA THR B 5 -0.09 -8.74 13.66
C THR B 5 -0.69 -7.57 12.79
C THR B 5 -0.72 -7.60 12.85
N PRO B 6 -1.87 -7.85 12.22
CA PRO B 6 -2.46 -6.81 11.38
C PRO B 6 -3.07 -5.66 12.17
N LYS B 7 -2.87 -4.45 11.67
CA LYS B 7 -3.64 -3.30 12.14
C LYS B 7 -4.92 -3.32 11.33
N ILE B 8 -6.00 -2.78 11.88
CA ILE B 8 -7.30 -2.87 11.25
C ILE B 8 -7.99 -1.54 11.35
N GLN B 9 -8.61 -1.10 10.26
CA GLN B 9 -9.55 0.02 10.28
C GLN B 9 -10.77 -0.35 9.47
N VAL B 10 -11.95 -0.11 10.05
CA VAL B 10 -13.22 -0.36 9.35
C VAL B 10 -13.97 0.95 9.20
N TYR B 11 -14.51 1.21 8.01
CA TYR B 11 -14.94 2.57 7.68
C TYR B 11 -15.67 2.59 6.33
N SER B 12 -16.44 3.65 6.10
CA SER B 12 -17.20 3.80 4.87
C SER B 12 -16.40 4.58 3.86
N ARG B 13 -16.66 4.33 2.59
CA ARG B 13 -16.01 5.11 1.55
C ARG B 13 -16.47 6.56 1.65
N HIS B 14 -17.78 6.76 1.76
CA HIS B 14 -18.35 8.10 1.79
C HIS B 14 -18.95 8.39 3.16
N PRO B 15 -19.08 9.69 3.51
CA PRO B 15 -19.56 9.96 4.85
C PRO B 15 -20.93 9.31 5.02
N ALA B 16 -21.22 8.79 6.20
CA ALA B 16 -22.39 7.93 6.34
C ALA B 16 -23.67 8.71 6.63
N GLU B 17 -24.75 8.36 5.94
CA GLU B 17 -26.10 8.83 6.31
C GLU B 17 -27.12 7.70 6.24
N ASN B 18 -27.83 7.48 7.34
CA ASN B 18 -28.80 6.38 7.40
C ASN B 18 -29.70 6.37 6.17
N GLY B 19 -29.81 5.21 5.53
CA GLY B 19 -30.71 5.06 4.40
C GLY B 19 -30.05 5.32 3.05
N LYS B 20 -28.81 5.78 3.06
CA LYS B 20 -28.13 6.15 1.81
C LYS B 20 -27.02 5.18 1.40
N SER B 21 -27.04 4.81 0.12
CA SER B 21 -26.07 3.91 -0.50
C SER B 21 -24.60 4.29 -0.27
N ASN B 22 -23.73 3.30 -0.04
CA ASN B 22 -22.31 3.54 0.32
C ASN B 22 -21.44 2.25 0.14
N PHE B 23 -20.18 2.29 0.56
CA PHE B 23 -19.33 1.09 0.53
C PHE B 23 -18.62 0.88 1.87
N LEU B 24 -18.58 -0.36 2.35
CA LEU B 24 -17.95 -0.65 3.65
C LEU B 24 -16.56 -1.23 3.46
N ASN B 25 -15.57 -0.59 4.08
CA ASN B 25 -14.18 -0.99 3.92
C ASN B 25 -13.59 -1.61 5.19
N CYS B 26 -12.78 -2.64 5.04
N CYS B 26 -12.79 -2.65 5.01
CA CYS B 26 -11.90 -3.06 6.13
CA CYS B 26 -11.89 -3.11 6.06
C CYS B 26 -10.46 -3.13 5.63
C CYS B 26 -10.47 -3.04 5.51
N TYR B 27 -9.66 -2.18 6.10
CA TYR B 27 -8.27 -2.02 5.65
C TYR B 27 -7.34 -2.66 6.68
N VAL B 28 -6.60 -3.68 6.24
CA VAL B 28 -5.64 -4.41 7.10
C VAL B 28 -4.20 -4.18 6.61
N SER B 29 -3.29 -3.84 7.52
CA SER B 29 -1.96 -3.49 7.13
C SER B 29 -0.97 -3.88 8.22
N GLY B 30 0.31 -3.75 7.92
CA GLY B 30 1.37 -4.00 8.89
C GLY B 30 1.55 -5.47 9.23
N PHE B 31 0.92 -6.37 8.50
CA PHE B 31 1.04 -7.77 8.87
C PHE B 31 2.08 -8.59 8.07
N HIS B 32 2.49 -9.72 8.66
CA HIS B 32 3.39 -10.68 8.00
C HIS B 32 3.27 -11.98 8.81
N PRO B 33 3.16 -13.15 8.14
CA PRO B 33 3.14 -13.42 6.70
C PRO B 33 1.83 -12.98 6.03
N SER B 34 1.69 -13.30 4.74
CA SER B 34 0.62 -12.72 3.93
C SER B 34 -0.74 -13.38 4.03
N ASP B 35 -0.80 -14.66 4.44
CA ASP B 35 -2.08 -15.34 4.59
C ASP B 35 -2.92 -14.69 5.70
N ILE B 36 -4.15 -14.30 5.35
CA ILE B 36 -5.01 -13.61 6.30
C ILE B 36 -6.45 -13.85 5.90
N GLU B 37 -7.34 -13.90 6.89
CA GLU B 37 -8.76 -14.02 6.58
C GLU B 37 -9.48 -12.77 7.07
N VAL B 38 -10.32 -12.20 6.23
CA VAL B 38 -11.05 -11.00 6.57
C VAL B 38 -12.50 -11.18 6.15
N ASP B 39 -13.41 -11.02 7.11
CA ASP B 39 -14.83 -10.96 6.83
C ASP B 39 -15.43 -9.62 7.26
N LEU B 40 -16.41 -9.15 6.49
CA LEU B 40 -17.23 -8.01 6.88
C LEU B 40 -18.53 -8.60 7.39
N LEU B 41 -19.04 -8.07 8.50
CA LEU B 41 -20.20 -8.63 9.17
C LEU B 41 -21.37 -7.67 9.21
N LYS B 42 -22.57 -8.16 8.89
CA LYS B 42 -23.79 -7.39 9.09
C LYS B 42 -24.57 -8.03 10.23
N ASN B 43 -24.73 -7.31 11.34
CA ASN B 43 -25.36 -7.86 12.52
C ASN B 43 -24.81 -9.25 12.88
N GLY B 44 -23.51 -9.32 13.11
CA GLY B 44 -22.85 -10.56 13.48
C GLY B 44 -22.71 -11.61 12.38
N GLU B 45 -23.32 -11.39 11.22
CA GLU B 45 -23.38 -12.40 10.16
C GLU B 45 -22.46 -12.05 8.99
N ARG B 46 -21.68 -13.03 8.54
CA ARG B 46 -20.76 -12.86 7.42
C ARG B 46 -21.45 -12.40 6.14
N ILE B 47 -20.91 -11.36 5.50
CA ILE B 47 -21.45 -10.88 4.22
C ILE B 47 -20.76 -11.60 3.04
N GLU B 48 -21.54 -12.09 2.09
CA GLU B 48 -20.99 -12.98 1.06
C GLU B 48 -20.24 -12.30 -0.09
N LYS B 49 -20.70 -11.16 -0.57
CA LYS B 49 -20.10 -10.64 -1.79
C LYS B 49 -19.01 -9.64 -1.42
N VAL B 50 -17.90 -10.13 -0.87
CA VAL B 50 -16.83 -9.23 -0.46
C VAL B 50 -15.63 -9.39 -1.37
N GLU B 51 -15.14 -8.27 -1.90
CA GLU B 51 -13.99 -8.28 -2.76
C GLU B 51 -12.78 -7.70 -2.01
N HIS B 52 -11.58 -7.85 -2.58
CA HIS B 52 -10.38 -7.32 -1.95
C HIS B 52 -9.32 -6.92 -3.00
N SER B 53 -8.45 -5.99 -2.60
CA SER B 53 -7.40 -5.49 -3.48
C SER B 53 -6.30 -6.54 -3.71
N ASP B 54 -5.45 -6.29 -4.70
CA ASP B 54 -4.30 -7.13 -4.96
C ASP B 54 -3.22 -6.89 -3.90
N LEU B 55 -2.74 -7.98 -3.30
CA LEU B 55 -1.75 -7.91 -2.24
C LEU B 55 -0.57 -7.05 -2.64
N SER B 56 -0.22 -6.12 -1.78
CA SER B 56 0.96 -5.30 -1.95
C SER B 56 1.58 -5.09 -0.58
N PHE B 57 2.61 -4.28 -0.51
CA PHE B 57 3.32 -4.10 0.76
C PHE B 57 4.04 -2.76 0.88
N SER B 58 4.39 -2.42 2.12
N SER B 58 4.37 -2.38 2.12
CA SER B 58 5.04 -1.16 2.45
CA SER B 58 5.06 -1.12 2.36
C SER B 58 6.55 -1.32 2.50
C SER B 58 6.57 -1.29 2.31
N LYS B 59 7.28 -0.19 2.55
CA LYS B 59 8.75 -0.20 2.58
C LYS B 59 9.33 -1.17 3.59
N ASP B 60 8.61 -1.39 4.69
CA ASP B 60 9.14 -2.24 5.74
C ASP B 60 8.74 -3.69 5.51
N TRP B 61 8.21 -3.96 4.32
CA TRP B 61 7.84 -5.29 3.87
C TRP B 61 6.50 -5.82 4.40
N SER B 62 5.82 -5.05 5.24
N SER B 62 5.82 -5.06 5.25
CA SER B 62 4.52 -5.44 5.77
CA SER B 62 4.53 -5.50 5.78
C SER B 62 3.44 -5.37 4.69
C SER B 62 3.43 -5.36 4.73
N PHE B 63 2.54 -6.35 4.68
CA PHE B 63 1.49 -6.41 3.69
C PHE B 63 0.29 -5.55 4.07
N TYR B 64 -0.44 -5.11 3.06
CA TYR B 64 -1.72 -4.44 3.28
C TYR B 64 -2.72 -4.87 2.21
N LEU B 65 -4.00 -4.90 2.61
CA LEU B 65 -5.11 -5.24 1.72
C LEU B 65 -6.34 -4.45 2.09
N LEU B 66 -7.17 -4.14 1.09
CA LEU B 66 -8.47 -3.55 1.30
C LEU B 66 -9.56 -4.55 0.92
N TYR B 67 -10.45 -4.83 1.88
CA TYR B 67 -11.66 -5.62 1.61
C TYR B 67 -12.83 -4.65 1.59
N TYR B 68 -13.79 -4.84 0.70
CA TYR B 68 -14.90 -3.88 0.60
C TYR B 68 -16.15 -4.52 0.02
N THR B 69 -17.32 -3.98 0.38
CA THR B 69 -18.60 -4.42 -0.17
C THR B 69 -19.59 -3.26 -0.19
N GLU B 70 -20.62 -3.31 -1.03
CA GLU B 70 -21.64 -2.26 -1.00
C GLU B 70 -22.43 -2.40 0.29
N PHE B 71 -22.95 -1.30 0.85
CA PHE B 71 -23.81 -1.37 2.04
C PHE B 71 -24.62 -0.10 2.26
N THR B 72 -25.77 -0.25 2.90
CA THR B 72 -26.64 0.89 3.18
C THR B 72 -26.80 1.05 4.68
N PRO B 73 -26.07 2.01 5.25
CA PRO B 73 -26.12 2.27 6.69
C PRO B 73 -27.55 2.58 7.13
N THR B 74 -27.93 2.11 8.31
CA THR B 74 -29.23 2.43 8.89
C THR B 74 -29.04 2.69 10.38
N GLU B 75 -30.10 3.13 11.04
CA GLU B 75 -30.06 3.33 12.48
C GLU B 75 -29.70 2.05 13.23
N LYS B 76 -30.43 0.97 12.92
CA LYS B 76 -30.37 -0.25 13.74
C LYS B 76 -29.19 -1.17 13.40
N ASP B 77 -28.85 -1.28 12.12
CA ASP B 77 -27.90 -2.30 11.67
C ASP B 77 -26.49 -2.04 12.18
N GLU B 78 -25.81 -3.11 12.59
CA GLU B 78 -24.44 -3.00 13.07
C GLU B 78 -23.51 -3.66 12.07
N TYR B 79 -22.44 -2.96 11.72
N TYR B 79 -22.36 -3.03 11.82
CA TYR B 79 -21.46 -3.46 10.79
CA TYR B 79 -21.35 -3.60 10.93
C TYR B 79 -20.11 -3.52 11.48
C TYR B 79 -20.00 -3.76 11.60
N ALA B 80 -19.13 -4.14 10.83
N ALA B 80 -19.26 -4.79 11.19
CA ALA B 80 -17.82 -4.37 11.44
CA ALA B 80 -17.98 -5.07 11.78
C ALA B 80 -16.99 -5.34 10.62
C ALA B 80 -17.07 -5.74 10.76
N CYS B 81 -15.71 -5.47 10.94
N CYS B 81 -15.79 -5.82 11.11
CA CYS B 81 -14.92 -6.53 10.33
CA CYS B 81 -14.80 -6.59 10.37
C CYS B 81 -14.15 -7.36 11.35
C CYS B 81 -14.31 -7.68 11.32
N ARG B 82 -14.17 -8.66 11.12
N ARG B 82 -14.06 -8.89 10.79
CA ARG B 82 -13.45 -9.63 11.92
CA ARG B 82 -13.52 -9.99 11.57
C ARG B 82 -12.28 -10.17 11.12
C ARG B 82 -12.24 -10.46 10.90
N VAL B 83 -11.15 -10.39 11.78
N VAL B 83 -11.15 -10.44 11.65
CA VAL B 83 -9.94 -10.81 11.09
CA VAL B 83 -9.85 -10.77 11.11
C VAL B 83 -9.16 -11.86 11.87
C VAL B 83 -9.23 -11.92 11.89
N ASN B 84 -8.69 -12.89 11.15
CA ASN B 84 -7.85 -13.91 11.75
C ASN B 84 -6.54 -13.99 10.99
N HIS B 85 -5.47 -14.33 11.70
CA HIS B 85 -4.13 -14.32 11.18
C HIS B 85 -3.33 -15.19 12.11
N VAL B 86 -2.18 -15.69 11.66
CA VAL B 86 -1.44 -16.64 12.48
C VAL B 86 -1.06 -16.03 13.82
N THR B 87 -0.85 -14.72 13.86
CA THR B 87 -0.45 -14.05 15.10
C THR B 87 -1.60 -13.85 16.08
N LEU B 88 -2.80 -14.26 15.70
CA LEU B 88 -4.01 -14.02 16.51
C LEU B 88 -4.57 -15.35 17.05
N SER B 89 -4.71 -15.47 18.36
CA SER B 89 -5.21 -16.72 18.93
C SER B 89 -6.70 -16.92 18.65
N GLN B 90 -7.49 -15.85 18.65
CA GLN B 90 -8.87 -15.91 18.17
C GLN B 90 -9.17 -14.76 17.21
N PRO B 91 -10.14 -14.94 16.33
CA PRO B 91 -10.47 -13.87 15.40
C PRO B 91 -10.66 -12.55 16.14
N LYS B 92 -10.21 -11.46 15.52
CA LYS B 92 -10.39 -10.13 16.09
C LYS B 92 -11.54 -9.36 15.43
N ILE B 93 -12.46 -8.84 16.22
CA ILE B 93 -13.63 -8.10 15.68
C ILE B 93 -13.54 -6.60 15.96
N VAL B 94 -13.60 -5.79 14.92
CA VAL B 94 -13.62 -4.33 15.08
C VAL B 94 -14.94 -3.81 14.54
N LYS B 95 -15.72 -3.16 15.40
CA LYS B 95 -17.00 -2.60 14.99
C LYS B 95 -16.83 -1.36 14.15
N TRP B 96 -17.66 -1.23 13.12
CA TRP B 96 -17.72 0.00 12.36
C TRP B 96 -18.42 1.07 13.20
N ASP B 97 -17.85 2.27 13.22
CA ASP B 97 -18.40 3.38 13.97
C ASP B 97 -18.32 4.60 13.06
N ARG B 98 -19.46 5.18 12.72
CA ARG B 98 -19.50 6.15 11.62
C ARG B 98 -18.69 7.42 11.88
N ASP B 99 -18.16 7.55 13.10
CA ASP B 99 -17.31 8.70 13.47
C ASP B 99 -15.81 8.36 13.53
N MET B 100 -15.42 7.19 13.02
N MET B 100 -15.41 7.22 12.97
CA MET B 100 -14.00 6.77 13.02
CA MET B 100 -13.98 6.85 12.94
C MET B 100 -13.51 6.39 11.61
C MET B 100 -13.52 6.31 11.60
N LYS C 1 6.58 -0.06 -17.36
CA LYS C 1 7.29 -1.21 -18.02
C LYS C 1 8.20 -1.92 -17.04
N LEU C 2 8.10 -3.25 -17.04
CA LEU C 2 8.89 -4.08 -16.12
C LEU C 2 10.32 -4.16 -16.59
N VAL C 3 11.24 -4.51 -15.69
N VAL C 3 11.22 -4.53 -15.68
CA VAL C 3 12.63 -4.71 -16.07
CA VAL C 3 12.61 -4.81 -16.02
C VAL C 3 12.82 -5.96 -16.93
C VAL C 3 12.72 -5.97 -17.02
N ALA C 4 13.59 -5.83 -18.00
CA ALA C 4 13.83 -6.92 -18.96
C ALA C 4 15.05 -7.75 -18.57
N LEU C 5 16.15 -7.05 -18.33
CA LEU C 5 17.42 -7.66 -17.94
C LEU C 5 17.79 -7.15 -16.56
N GLY C 6 18.17 -8.07 -15.67
CA GLY C 6 18.66 -7.70 -14.36
C GLY C 6 17.95 -8.38 -13.20
N ILE C 7 16.94 -9.17 -13.52
CA ILE C 7 16.27 -9.98 -12.49
C ILE C 7 16.97 -11.33 -12.50
N ASN C 8 17.83 -11.54 -11.50
CA ASN C 8 18.67 -12.72 -11.42
C ASN C 8 18.42 -13.54 -10.16
N ALA C 9 18.61 -14.85 -10.28
CA ALA C 9 18.50 -15.74 -9.15
C ALA C 9 19.46 -15.35 -8.03
N VAL C 10 18.99 -15.47 -6.78
CA VAL C 10 19.82 -15.25 -5.59
C VAL C 10 20.86 -16.36 -5.39
#